data_4P8V
#
_entry.id   4P8V
#
_cell.length_a   70.682
_cell.length_b   70.682
_cell.length_c   140.255
_cell.angle_alpha   90.00
_cell.angle_beta   90.00
_cell.angle_gamma   90.00
#
_symmetry.space_group_name_H-M   'P 41 21 2'
#
loop_
_entity.id
_entity.type
_entity.pdbx_description
1 polymer 'Chitinase-3-like protein 2'
2 branched 2-acetamido-2-deoxy-beta-D-glucopyranose-(1-4)-2-acetamido-2-deoxy-beta-D-glucopyranose
3 non-polymer 'SULFATE ION'
4 water water
#
_entity_poly.entity_id   1
_entity_poly.type   'polypeptide(L)'
_entity_poly.pdbx_seq_one_letter_code
;AMADIGSYKLVCYFTNWSQDRQEPGKFTPENIDPFLCSHLIYSFASIENNKVIIKDKSEVMLYQTINSLKTKNPKLKILL
SIGGYLFGSKGFHPMVDSSTSRLEFINSIILFLRNHNFDGLDVSWIYPDQKENTHFTVLIHELAEAFQKDFTKSTKERLL
LTVGVSAGRQMIDNSYQVEKLAKDLDFINLLSFDFHGSWEKPLITGHNSPLSKGWQDRGPSSYYNVEYAVGYWIHKGMPS
EKVVMGIPTYGHSFTLASAETTVGAPASGPGAAGPITESSGFLAYYEICQFLKGAKITWLQDQQVPYAVKGNQWVGYDDV
KSMETKVQFLKNLNLGGAMIWSIDMDDFTGKSCNQGPYPLVQAVKRSLGSL
;
_entity_poly.pdbx_strand_id   A
#
loop_
_chem_comp.id
_chem_comp.type
_chem_comp.name
_chem_comp.formula
NAG D-saccharide, beta linking 2-acetamido-2-deoxy-beta-D-glucopyranose 'C8 H15 N O6'
SO4 non-polymer 'SULFATE ION' 'O4 S -2'
#
# COMPACT_ATOMS: atom_id res chain seq x y z
N SER A 7 -12.06 -3.05 -17.46
CA SER A 7 -10.59 -3.16 -17.23
C SER A 7 -10.28 -2.69 -15.79
N TYR A 8 -9.72 -3.58 -14.99
CA TYR A 8 -9.29 -3.19 -13.63
C TYR A 8 -7.80 -3.37 -13.52
N LYS A 9 -7.15 -2.50 -12.77
CA LYS A 9 -5.77 -2.69 -12.38
C LYS A 9 -5.65 -3.52 -11.10
N LEU A 10 -4.55 -4.26 -10.98
CA LEU A 10 -4.17 -4.93 -9.74
C LEU A 10 -2.72 -4.55 -9.52
N VAL A 11 -2.51 -3.62 -8.60
CA VAL A 11 -1.22 -2.94 -8.41
C VAL A 11 -0.61 -3.52 -7.14
N CYS A 12 0.58 -4.07 -7.27
CA CYS A 12 1.16 -4.91 -6.23
C CYS A 12 2.49 -4.37 -5.76
N TYR A 13 2.50 -3.81 -4.55
CA TYR A 13 3.76 -3.45 -3.94
C TYR A 13 4.48 -4.68 -3.41
N PHE A 14 5.78 -4.68 -3.53
CA PHE A 14 6.64 -5.60 -2.80
C PHE A 14 7.77 -4.82 -2.24
N THR A 15 8.51 -5.40 -1.29
CA THR A 15 9.45 -4.65 -0.48
C THR A 15 10.84 -5.28 -0.53
N ASN A 16 11.84 -4.46 -0.25
CA ASN A 16 13.20 -4.94 -0.30
C ASN A 16 13.76 -5.42 1.04
N TRP A 17 12.92 -5.44 2.07
CA TRP A 17 13.35 -5.94 3.39
C TRP A 17 12.81 -7.33 3.69
N SER A 18 11.88 -7.81 2.88
CA SER A 18 11.34 -9.16 3.10
C SER A 18 12.34 -10.26 2.80
N GLN A 19 13.35 -9.96 1.98
CA GLN A 19 14.43 -10.93 1.73
C GLN A 19 15.18 -11.33 2.99
N ASP A 20 15.16 -10.50 4.01
CA ASP A 20 15.91 -10.79 5.23
C ASP A 20 15.16 -11.68 6.21
N ARG A 21 13.91 -11.98 5.92
CA ARG A 21 13.07 -12.76 6.83
C ARG A 21 13.35 -14.23 6.64
N GLN A 22 13.10 -15.01 7.68
CA GLN A 22 13.10 -16.46 7.53
C GLN A 22 11.82 -16.95 6.85
N GLU A 23 11.83 -18.19 6.37
CA GLU A 23 10.61 -18.82 5.90
C GLU A 23 9.55 -18.94 7.02
N PRO A 24 8.27 -18.79 6.67
CA PRO A 24 7.75 -18.67 5.31
C PRO A 24 7.61 -17.24 4.81
N GLY A 25 8.40 -16.31 5.34
CA GLY A 25 8.32 -14.92 4.87
C GLY A 25 9.48 -14.45 4.05
N LYS A 26 10.36 -15.36 3.64
CA LYS A 26 11.59 -14.99 2.96
C LYS A 26 11.29 -14.79 1.49
N PHE A 27 11.19 -13.54 1.06
CA PHE A 27 10.71 -13.19 -0.26
C PHE A 27 11.82 -12.54 -1.07
N THR A 28 11.98 -12.98 -2.30
CA THR A 28 12.74 -12.17 -3.26
C THR A 28 11.88 -12.00 -4.51
N PRO A 29 12.25 -11.05 -5.39
CA PRO A 29 11.57 -10.88 -6.65
C PRO A 29 11.37 -12.16 -7.45
N GLU A 30 12.23 -13.16 -7.27
CA GLU A 30 11.99 -14.46 -7.92
C GLU A 30 10.69 -15.15 -7.49
N ASN A 31 10.13 -14.74 -6.35
CA ASN A 31 8.84 -15.29 -5.86
C ASN A 31 7.63 -14.70 -6.61
N ILE A 32 7.89 -13.75 -7.52
CA ILE A 32 6.79 -13.04 -8.16
C ILE A 32 6.30 -13.83 -9.35
N ASP A 33 4.98 -14.00 -9.37
CA ASP A 33 4.27 -14.59 -10.49
C ASP A 33 4.05 -13.48 -11.53
N PRO A 34 4.62 -13.60 -12.74
CA PRO A 34 4.50 -12.48 -13.68
C PRO A 34 3.09 -12.14 -14.12
N PHE A 35 2.15 -13.08 -13.96
CA PHE A 35 0.75 -12.86 -14.33
C PHE A 35 -0.21 -12.58 -13.17
N LEU A 36 0.32 -12.56 -11.95
CA LEU A 36 -0.51 -12.27 -10.78
C LEU A 36 -1.11 -10.86 -10.79
N CYS A 37 -0.29 -9.86 -11.05
CA CYS A 37 -0.71 -8.48 -11.02
C CYS A 37 -0.50 -7.80 -12.37
N SER A 38 -1.22 -6.68 -12.60
CA SER A 38 -0.98 -5.85 -13.77
C SER A 38 0.23 -4.93 -13.57
N HIS A 39 0.45 -4.48 -12.34
CA HIS A 39 1.56 -3.57 -12.03
C HIS A 39 2.24 -4.07 -10.78
N LEU A 40 3.57 -4.03 -10.78
CA LEU A 40 4.39 -4.34 -9.61
C LEU A 40 5.10 -3.07 -9.25
N ILE A 41 5.21 -2.80 -7.96
CA ILE A 41 5.96 -1.63 -7.47
C ILE A 41 7.00 -2.01 -6.42
N TYR A 42 8.27 -1.68 -6.69
CA TYR A 42 9.40 -1.97 -5.80
C TYR A 42 9.48 -0.89 -4.72
N SER A 43 9.56 -1.32 -3.46
CA SER A 43 9.56 -0.42 -2.31
C SER A 43 10.87 -0.66 -1.51
N PHE A 44 11.75 0.31 -1.37
CA PHE A 44 11.69 1.67 -1.90
C PHE A 44 13.10 2.08 -2.36
N ALA A 45 13.12 3.01 -3.29
CA ALA A 45 14.35 3.69 -3.65
C ALA A 45 14.79 4.70 -2.60
N SER A 46 15.97 5.25 -2.79
CA SER A 46 16.56 6.23 -1.87
C SER A 46 16.98 7.44 -2.70
N ILE A 47 17.38 8.49 -2.01
CA ILE A 47 17.84 9.74 -2.64
C ILE A 47 19.16 10.09 -2.04
N GLU A 48 20.19 10.14 -2.89
CA GLU A 48 21.54 10.47 -2.47
C GLU A 48 22.12 11.52 -3.41
N ASN A 49 22.57 12.63 -2.82
CA ASN A 49 23.12 13.72 -3.61
C ASN A 49 22.07 14.20 -4.64
N ASN A 50 20.82 14.21 -4.21
CA ASN A 50 19.67 14.62 -5.04
C ASN A 50 19.41 13.73 -6.23
N LYS A 51 19.90 12.49 -6.19
CA LYS A 51 19.71 11.58 -7.30
C LYS A 51 19.16 10.26 -6.76
N VAL A 52 18.34 9.59 -7.58
CA VAL A 52 17.73 8.34 -7.18
C VAL A 52 18.75 7.22 -7.21
N ILE A 53 18.73 6.37 -6.20
CA ILE A 53 19.46 5.13 -6.25
C ILE A 53 18.60 4.05 -5.62
N ILE A 54 19.08 2.83 -5.70
CA ILE A 54 18.48 1.72 -4.94
C ILE A 54 19.54 1.20 -3.97
N LYS A 55 19.22 1.19 -2.68
CA LYS A 55 20.06 0.58 -1.64
C LYS A 55 19.53 -0.81 -1.29
N ASP A 56 20.17 -1.83 -1.79
CA ASP A 56 19.65 -3.17 -1.65
C ASP A 56 20.84 -4.07 -2.00
N LYS A 57 21.23 -4.97 -1.08
CA LYS A 57 22.28 -5.94 -1.44
C LYS A 57 21.97 -6.77 -2.68
N SER A 58 20.69 -6.87 -3.01
CA SER A 58 20.23 -7.68 -4.12
C SER A 58 19.80 -6.81 -5.30
N GLU A 59 20.24 -5.57 -5.32
CA GLU A 59 19.86 -4.63 -6.39
C GLU A 59 20.07 -5.18 -7.81
N VAL A 60 21.27 -5.65 -8.13
CA VAL A 60 21.53 -6.03 -9.51
C VAL A 60 20.71 -7.28 -9.87
N MET A 61 20.41 -8.14 -8.89
CA MET A 61 19.57 -9.30 -9.16
C MET A 61 18.12 -8.87 -9.42
N LEU A 62 17.69 -7.79 -8.78
CA LEU A 62 16.37 -7.19 -9.08
C LEU A 62 16.24 -6.87 -10.57
N TYR A 63 17.27 -6.28 -11.16
CA TYR A 63 17.22 -5.94 -12.60
C TYR A 63 17.08 -7.17 -13.47
N GLN A 64 17.78 -8.25 -13.11
CA GLN A 64 17.64 -9.49 -13.81
C GLN A 64 16.18 -9.97 -13.77
N THR A 65 15.59 -9.89 -12.57
CA THR A 65 14.21 -10.34 -12.42
C THR A 65 13.23 -9.44 -13.16
N ILE A 66 13.43 -8.14 -13.09
CA ILE A 66 12.59 -7.21 -13.88
C ILE A 66 12.57 -7.63 -15.37
N ASN A 67 13.74 -7.89 -15.93
CA ASN A 67 13.85 -8.17 -17.35
C ASN A 67 13.22 -9.54 -17.63
N SER A 68 13.35 -10.46 -16.67
CA SER A 68 12.78 -11.79 -16.86
C SER A 68 11.26 -11.72 -16.79
N LEU A 69 10.75 -11.04 -15.79
CA LEU A 69 9.31 -10.91 -15.63
C LEU A 69 8.62 -10.27 -16.85
N LYS A 70 9.24 -9.22 -17.39
CA LYS A 70 8.68 -8.48 -18.52
C LYS A 70 8.81 -9.20 -19.85
N THR A 71 9.76 -10.12 -19.94
CA THR A 71 9.84 -11.02 -21.08
C THR A 71 8.72 -12.07 -21.02
N LYS A 72 8.47 -12.62 -19.83
CA LYS A 72 7.42 -13.63 -19.64
C LYS A 72 6.04 -13.01 -19.85
N ASN A 73 5.82 -11.80 -19.33
CA ASN A 73 4.56 -11.08 -19.51
C ASN A 73 4.80 -9.67 -20.04
N PRO A 74 4.78 -9.52 -21.37
CA PRO A 74 5.05 -8.23 -21.99
C PRO A 74 4.08 -7.09 -21.62
N LYS A 75 2.94 -7.40 -21.03
CA LYS A 75 2.00 -6.34 -20.63
C LYS A 75 2.29 -5.82 -19.22
N LEU A 76 3.14 -6.52 -18.48
CA LEU A 76 3.42 -6.17 -17.09
C LEU A 76 4.12 -4.82 -16.98
N LYS A 77 3.64 -3.98 -16.08
CA LYS A 77 4.32 -2.72 -15.77
C LYS A 77 5.00 -2.85 -14.42
N ILE A 78 6.23 -2.35 -14.32
CA ILE A 78 6.99 -2.38 -13.09
C ILE A 78 7.46 -0.98 -12.74
N LEU A 79 7.03 -0.49 -11.59
CA LEU A 79 7.33 0.87 -11.16
C LEU A 79 8.30 0.83 -9.99
N LEU A 80 9.03 1.93 -9.84
CA LEU A 80 9.89 2.19 -8.68
C LEU A 80 9.22 3.18 -7.72
N SER A 81 9.14 2.83 -6.44
CA SER A 81 8.56 3.71 -5.46
C SER A 81 9.64 4.42 -4.61
N ILE A 82 9.41 5.67 -4.33
CA ILE A 82 10.19 6.40 -3.34
C ILE A 82 9.27 6.89 -2.27
N GLY A 83 9.70 6.77 -1.02
CA GLY A 83 8.94 7.18 0.14
C GLY A 83 8.76 6.09 1.17
N GLY A 84 7.55 5.98 1.67
CA GLY A 84 7.24 5.06 2.75
C GLY A 84 7.35 5.68 4.10
N TYR A 85 6.84 4.96 5.09
CA TYR A 85 6.73 5.49 6.43
C TYR A 85 8.08 5.89 7.02
N LEU A 86 9.07 5.00 6.94
CA LEU A 86 10.38 5.26 7.57
C LEU A 86 11.13 6.45 6.94
N PHE A 87 11.02 6.56 5.63
CA PHE A 87 11.66 7.64 4.87
C PHE A 87 11.05 8.96 5.29
N GLY A 88 9.75 8.96 5.46
CA GLY A 88 9.04 10.11 5.99
C GLY A 88 9.09 11.31 5.07
N SER A 89 9.00 12.50 5.68
CA SER A 89 9.26 13.76 4.98
C SER A 89 10.76 14.06 4.95
N LYS A 90 11.48 13.69 6.01
CA LYS A 90 12.93 13.98 6.10
C LYS A 90 13.69 13.47 4.88
N GLY A 91 13.27 12.32 4.34
CA GLY A 91 14.01 11.71 3.26
C GLY A 91 14.01 12.57 2.00
N PHE A 92 12.97 13.39 1.86
CA PHE A 92 12.82 14.20 0.63
C PHE A 92 13.63 15.50 0.69
N HIS A 93 14.26 15.74 1.84
CA HIS A 93 15.16 16.87 1.99
C HIS A 93 16.59 16.34 1.98
N PRO A 94 17.51 17.08 1.36
CA PRO A 94 17.36 18.44 0.78
C PRO A 94 16.87 18.49 -0.67
N MET A 95 16.54 17.37 -1.27
CA MET A 95 16.14 17.35 -2.67
C MET A 95 15.04 18.33 -3.03
N VAL A 96 14.00 18.41 -2.21
CA VAL A 96 12.86 19.26 -2.55
C VAL A 96 13.11 20.75 -2.32
N ASP A 97 14.21 21.12 -1.66
CA ASP A 97 14.39 22.51 -1.18
C ASP A 97 14.47 23.58 -2.27
N SER A 98 14.88 23.23 -3.49
CA SER A 98 14.84 24.20 -4.59
C SER A 98 14.54 23.52 -5.92
N SER A 99 14.16 24.31 -6.92
CA SER A 99 13.89 23.77 -8.26
C SER A 99 15.14 23.19 -8.93
N THR A 100 16.30 23.70 -8.55
CA THR A 100 17.58 23.20 -9.02
C THR A 100 17.85 21.76 -8.56
N SER A 101 17.70 21.54 -7.26
CA SER A 101 17.91 20.21 -6.67
C SER A 101 16.82 19.24 -7.11
N ARG A 102 15.58 19.72 -7.24
CA ARG A 102 14.48 18.90 -7.79
C ARG A 102 14.73 18.51 -9.27
N LEU A 103 15.28 19.44 -10.06
CA LEU A 103 15.60 19.12 -11.44
C LEU A 103 16.71 18.06 -11.52
N GLU A 104 17.72 18.16 -10.67
CA GLU A 104 18.78 17.12 -10.59
C GLU A 104 18.11 15.76 -10.41
N PHE A 105 17.19 15.72 -9.47
CA PHE A 105 16.47 14.51 -9.13
C PHE A 105 15.62 13.97 -10.30
N ILE A 106 14.83 14.85 -10.89
CA ILE A 106 13.92 14.43 -11.96
C ILE A 106 14.69 13.87 -13.16
N ASN A 107 15.81 14.51 -13.50
CA ASN A 107 16.62 14.01 -14.58
C ASN A 107 17.26 12.67 -14.23
N SER A 108 17.61 12.49 -12.97
CA SER A 108 18.15 11.22 -12.50
C SER A 108 17.14 10.10 -12.60
N ILE A 109 15.87 10.44 -12.32
CA ILE A 109 14.76 9.49 -12.35
C ILE A 109 14.54 9.01 -13.77
N ILE A 110 14.46 9.93 -14.72
CA ILE A 110 14.25 9.51 -16.11
C ILE A 110 15.37 8.58 -16.57
N LEU A 111 16.61 8.95 -16.28
CA LEU A 111 17.74 8.10 -16.71
C LEU A 111 17.70 6.72 -16.06
N PHE A 112 17.45 6.71 -14.76
CA PHE A 112 17.47 5.47 -13.99
C PHE A 112 16.36 4.52 -14.44
N LEU A 113 15.15 5.04 -14.62
CA LEU A 113 14.02 4.21 -15.01
C LEU A 113 14.22 3.63 -16.38
N ARG A 114 14.73 4.43 -17.33
CA ARG A 114 15.00 3.92 -18.67
C ARG A 114 16.14 2.91 -18.70
N ASN A 115 17.23 3.21 -17.99
CA ASN A 115 18.36 2.33 -17.95
C ASN A 115 17.96 0.98 -17.38
N HIS A 116 17.05 0.97 -16.41
CA HIS A 116 16.74 -0.28 -15.69
C HIS A 116 15.39 -0.88 -16.01
N ASN A 117 14.80 -0.46 -17.12
CA ASN A 117 13.58 -1.11 -17.65
C ASN A 117 12.37 -0.94 -16.71
N PHE A 118 12.29 0.18 -15.99
CA PHE A 118 11.11 0.48 -15.20
C PHE A 118 10.12 1.22 -16.08
N ASP A 119 8.84 1.06 -15.78
CA ASP A 119 7.80 1.72 -16.55
C ASP A 119 7.32 3.01 -15.95
N GLY A 120 7.78 3.33 -14.73
CA GLY A 120 7.35 4.55 -14.08
C GLY A 120 7.79 4.70 -12.64
N LEU A 121 7.33 5.77 -12.00
CA LEU A 121 7.67 6.15 -10.64
C LEU A 121 6.42 6.29 -9.78
N ASP A 122 6.47 5.73 -8.57
CA ASP A 122 5.48 5.96 -7.54
C ASP A 122 6.09 6.82 -6.45
N VAL A 123 5.42 7.93 -6.12
CA VAL A 123 5.90 8.80 -5.04
C VAL A 123 4.99 8.59 -3.85
N SER A 124 5.45 7.84 -2.85
CA SER A 124 4.61 7.58 -1.68
C SER A 124 5.13 8.34 -0.47
N TRP A 125 4.81 9.62 -0.43
CA TRP A 125 5.27 10.51 0.62
C TRP A 125 4.35 10.38 1.83
N ILE A 126 4.92 9.88 2.92
CA ILE A 126 4.16 9.54 4.11
C ILE A 126 4.49 10.47 5.27
N TYR A 127 3.69 11.49 5.55
CA TYR A 127 2.67 12.10 4.65
C TYR A 127 3.06 13.57 4.60
N PRO A 128 2.64 14.30 3.56
CA PRO A 128 3.09 15.70 3.46
C PRO A 128 2.57 16.60 4.58
N ASP A 129 1.29 16.47 4.91
CA ASP A 129 0.64 17.36 5.87
C ASP A 129 0.74 18.83 5.41
N GLN A 130 0.37 19.75 6.30
CA GLN A 130 0.43 21.18 6.02
C GLN A 130 1.85 21.60 5.58
N LYS A 131 2.86 21.14 6.30
CA LYS A 131 4.22 21.61 6.10
C LYS A 131 4.80 21.27 4.72
N GLU A 132 4.48 20.10 4.17
CA GLU A 132 5.10 19.69 2.90
C GLU A 132 4.14 19.65 1.73
N ASN A 133 2.92 20.13 1.94
CA ASN A 133 1.92 20.20 0.89
C ASN A 133 2.46 20.88 -0.39
N THR A 134 3.09 22.04 -0.26
CA THR A 134 3.63 22.71 -1.42
C THR A 134 4.76 21.93 -2.09
N HIS A 135 5.65 21.36 -1.29
CA HIS A 135 6.79 20.62 -1.84
C HIS A 135 6.31 19.38 -2.60
N PHE A 136 5.39 18.62 -2.01
CA PHE A 136 4.81 17.46 -2.63
C PHE A 136 4.14 17.85 -3.91
N THR A 137 3.31 18.89 -3.85
CA THR A 137 2.56 19.33 -5.03
C THR A 137 3.47 19.73 -6.21
N VAL A 138 4.51 20.52 -5.91
CA VAL A 138 5.47 20.97 -6.94
C VAL A 138 6.29 19.81 -7.49
N LEU A 139 6.71 18.91 -6.60
CA LEU A 139 7.48 17.77 -7.02
C LEU A 139 6.67 16.94 -8.01
N ILE A 140 5.41 16.66 -7.66
CA ILE A 140 4.55 15.88 -8.55
C ILE A 140 4.33 16.60 -9.89
N HIS A 141 4.06 17.91 -9.81
CA HIS A 141 3.85 18.67 -11.01
C HIS A 141 5.07 18.68 -11.93
N GLU A 142 6.27 18.83 -11.35
CA GLU A 142 7.49 18.87 -12.14
C GLU A 142 7.85 17.52 -12.76
N LEU A 143 7.63 16.42 -12.01
CA LEU A 143 7.76 15.07 -12.56
C LEU A 143 6.83 14.84 -13.72
N ALA A 144 5.55 15.16 -13.54
CA ALA A 144 4.58 14.94 -14.60
C ALA A 144 4.96 15.68 -15.89
N GLU A 145 5.39 16.92 -15.73
CA GLU A 145 5.77 17.76 -16.87
C GLU A 145 6.99 17.19 -17.57
N ALA A 146 7.98 16.78 -16.78
CA ALA A 146 9.19 16.17 -17.32
C ALA A 146 8.94 14.83 -17.97
N PHE A 147 7.99 14.06 -17.44
CA PHE A 147 7.69 12.78 -18.06
C PHE A 147 7.01 13.02 -19.39
N GLN A 148 6.16 14.03 -19.45
CA GLN A 148 5.48 14.38 -20.69
C GLN A 148 6.47 14.91 -21.72
N LYS A 149 7.34 15.83 -21.32
CA LYS A 149 8.36 16.34 -22.24
C LYS A 149 9.22 15.20 -22.79
N ASP A 150 9.58 14.28 -21.91
CA ASP A 150 10.37 13.12 -22.29
C ASP A 150 9.63 12.24 -23.32
N PHE A 151 8.32 12.08 -23.13
CA PHE A 151 7.51 11.32 -24.08
C PHE A 151 7.42 12.03 -25.44
N THR A 152 7.24 13.35 -25.42
CA THR A 152 7.23 14.16 -26.65
C THR A 152 8.40 13.82 -27.57
N LYS A 153 9.51 13.36 -26.98
CA LYS A 153 10.73 13.06 -27.73
C LYS A 153 11.05 11.60 -27.86
N SER A 154 10.25 10.73 -27.24
CA SER A 154 10.66 9.35 -27.09
C SER A 154 9.93 8.47 -28.08
N THR A 155 10.55 7.34 -28.39
CA THR A 155 9.87 6.29 -29.15
C THR A 155 9.31 5.28 -28.16
N LYS A 156 9.50 5.52 -26.86
CA LYS A 156 9.02 4.63 -25.82
C LYS A 156 7.81 5.21 -25.13
N GLU A 157 7.18 4.37 -24.32
CA GLU A 157 5.96 4.72 -23.65
C GLU A 157 6.24 5.83 -22.63
N ARG A 158 5.28 6.71 -22.37
CA ARG A 158 5.45 7.76 -21.38
C ARG A 158 5.65 7.05 -20.04
N LEU A 159 6.64 7.51 -19.27
CA LEU A 159 6.80 7.02 -17.93
C LEU A 159 5.55 7.31 -17.12
N LEU A 160 5.04 6.28 -16.41
CA LEU A 160 3.91 6.44 -15.52
C LEU A 160 4.27 7.17 -14.25
N LEU A 161 3.32 7.90 -13.70
CA LEU A 161 3.49 8.58 -12.45
C LEU A 161 2.30 8.32 -11.56
N THR A 162 2.58 7.73 -10.42
CA THR A 162 1.56 7.41 -9.44
C THR A 162 1.98 7.91 -8.07
N VAL A 163 1.06 7.89 -7.13
CA VAL A 163 1.37 8.28 -5.76
C VAL A 163 0.56 7.46 -4.78
N GLY A 164 1.23 6.96 -3.76
CA GLY A 164 0.57 6.48 -2.57
C GLY A 164 0.15 7.60 -1.66
N VAL A 165 -1.15 7.67 -1.35
CA VAL A 165 -1.70 8.81 -0.64
C VAL A 165 -2.55 8.45 0.56
N SER A 166 -2.64 9.36 1.50
CA SER A 166 -3.43 9.14 2.70
C SER A 166 -4.90 8.86 2.43
N ALA A 167 -5.43 7.96 3.23
CA ALA A 167 -6.86 7.70 3.29
C ALA A 167 -7.55 8.42 4.45
N GLY A 168 -6.85 9.26 5.20
CA GLY A 168 -7.43 9.97 6.35
C GLY A 168 -7.88 11.37 5.98
N ARG A 169 -9.15 11.69 6.22
CA ARG A 169 -9.72 12.97 5.75
C ARG A 169 -8.87 14.16 6.12
N GLN A 170 -8.47 14.24 7.39
CA GLN A 170 -7.74 15.41 7.86
C GLN A 170 -6.39 15.52 7.19
N MET A 171 -5.69 14.41 7.12
CA MET A 171 -4.42 14.40 6.42
C MET A 171 -4.57 14.73 4.95
N ILE A 172 -5.67 14.28 4.32
CA ILE A 172 -5.92 14.56 2.92
C ILE A 172 -6.10 16.07 2.73
N ASP A 173 -6.93 16.66 3.57
CA ASP A 173 -7.19 18.10 3.55
C ASP A 173 -5.90 18.89 3.72
N ASN A 174 -5.03 18.45 4.64
CA ASN A 174 -3.79 19.15 4.92
C ASN A 174 -2.73 18.98 3.85
N SER A 175 -2.69 17.81 3.22
CA SER A 175 -1.56 17.43 2.36
C SER A 175 -1.68 17.71 0.87
N TYR A 176 -2.88 17.63 0.28
CA TYR A 176 -3.00 17.47 -1.15
C TYR A 176 -3.80 18.59 -1.82
N GLN A 177 -3.39 18.91 -3.05
CA GLN A 177 -4.14 19.74 -3.98
C GLN A 177 -4.72 18.79 -5.04
N VAL A 178 -5.92 18.32 -4.76
CA VAL A 178 -6.43 17.12 -5.41
C VAL A 178 -6.70 17.27 -6.90
N GLU A 179 -7.29 18.40 -7.28
CA GLU A 179 -7.58 18.61 -8.67
C GLU A 179 -6.32 18.66 -9.50
N LYS A 180 -5.27 19.25 -8.96
CA LYS A 180 -3.97 19.26 -9.64
C LYS A 180 -3.35 17.87 -9.71
N LEU A 181 -3.44 17.14 -8.60
CA LEU A 181 -2.99 15.76 -8.54
C LEU A 181 -3.72 14.91 -9.56
N ALA A 182 -5.02 15.11 -9.71
CA ALA A 182 -5.78 14.38 -10.71
C ALA A 182 -5.27 14.61 -12.16
N LYS A 183 -4.74 15.81 -12.44
CA LYS A 183 -4.18 16.06 -13.78
C LYS A 183 -2.79 15.45 -13.93
N ASP A 184 -2.01 15.53 -12.87
CA ASP A 184 -0.59 15.12 -12.90
C ASP A 184 -0.36 13.60 -12.82
N LEU A 185 -1.20 12.91 -12.07
CA LEU A 185 -0.99 11.46 -11.82
C LEU A 185 -1.75 10.57 -12.80
N ASP A 186 -1.17 9.43 -13.16
CA ASP A 186 -1.92 8.42 -13.89
C ASP A 186 -2.97 7.79 -12.98
N PHE A 187 -2.60 7.59 -11.71
CA PHE A 187 -3.54 7.14 -10.69
C PHE A 187 -2.97 7.30 -9.30
N ILE A 188 -3.87 7.30 -8.29
CA ILE A 188 -3.46 7.22 -6.89
C ILE A 188 -3.55 5.77 -6.40
N ASN A 189 -2.55 5.40 -5.61
CA ASN A 189 -2.58 4.20 -4.79
C ASN A 189 -3.09 4.63 -3.42
N LEU A 190 -4.39 4.45 -3.19
CA LEU A 190 -4.98 4.91 -1.95
C LEU A 190 -4.60 3.98 -0.81
N LEU A 191 -3.96 4.55 0.21
CA LEU A 191 -3.44 3.77 1.35
C LEU A 191 -4.53 3.56 2.40
N SER A 192 -5.55 2.82 1.99
CA SER A 192 -6.79 2.62 2.74
C SER A 192 -6.63 1.47 3.75
N PHE A 193 -5.77 1.74 4.72
CA PHE A 193 -5.39 0.85 5.80
C PHE A 193 -4.68 1.73 6.83
N ASP A 194 -4.25 1.15 7.96
CA ASP A 194 -3.67 1.88 9.09
C ASP A 194 -4.65 2.87 9.65
N PHE A 195 -5.92 2.53 9.58
CA PHE A 195 -6.96 3.36 10.18
C PHE A 195 -6.93 3.29 11.71
N HIS A 196 -6.51 2.15 12.27
CA HIS A 196 -6.45 1.94 13.71
C HIS A 196 -5.27 1.03 14.01
N GLY A 197 -4.77 1.12 15.22
CA GLY A 197 -3.57 0.38 15.63
C GLY A 197 -3.12 0.86 17.00
N SER A 198 -2.05 0.27 17.52
CA SER A 198 -1.65 0.45 18.91
C SER A 198 -1.04 1.82 19.24
N TRP A 199 -0.93 2.68 18.25
CA TRP A 199 -0.41 4.03 18.43
C TRP A 199 -1.53 4.96 18.94
N GLU A 200 -2.77 4.51 18.88
CA GLU A 200 -3.90 5.40 19.19
C GLU A 200 -4.03 5.70 20.67
N LYS A 201 -4.58 6.87 20.95
CA LYS A 201 -4.83 7.34 22.31
C LYS A 201 -6.26 7.89 22.28
N PRO A 202 -7.20 7.30 23.07
CA PRO A 202 -6.92 6.22 24.00
C PRO A 202 -6.58 4.93 23.31
N LEU A 203 -5.88 4.06 24.02
CA LEU A 203 -5.41 2.83 23.45
C LEU A 203 -6.50 1.76 23.57
N ILE A 204 -7.25 1.63 22.47
CA ILE A 204 -8.35 0.68 22.36
C ILE A 204 -8.24 -0.12 21.07
N THR A 205 -8.83 -1.30 21.03
CA THR A 205 -8.77 -2.12 19.83
C THR A 205 -9.59 -1.46 18.74
N GLY A 206 -9.16 -1.66 17.51
CA GLY A 206 -9.86 -1.15 16.34
C GLY A 206 -9.25 -1.83 15.14
N HIS A 207 -9.99 -1.90 14.05
CA HIS A 207 -9.54 -2.62 12.86
C HIS A 207 -8.61 -1.77 11.95
N ASN A 208 -7.57 -2.40 11.46
CA ASN A 208 -6.60 -1.78 10.52
C ASN A 208 -7.26 -1.16 9.29
N SER A 209 -8.28 -1.85 8.75
CA SER A 209 -8.82 -1.52 7.44
C SER A 209 -10.32 -1.88 7.27
N PRO A 210 -11.16 -1.27 8.10
CA PRO A 210 -12.59 -1.53 7.99
C PRO A 210 -13.15 -0.95 6.69
N LEU A 211 -13.95 -1.72 5.99
CA LEU A 211 -14.65 -1.21 4.82
C LEU A 211 -15.61 -0.09 5.19
N SER A 212 -16.37 -0.30 6.26
CA SER A 212 -17.45 0.65 6.63
C SER A 212 -17.33 1.07 8.10
N LYS A 213 -18.12 2.08 8.48
CA LYS A 213 -17.99 2.61 9.82
C LYS A 213 -18.47 1.64 10.87
N GLY A 214 -17.92 1.78 12.05
CA GLY A 214 -18.34 1.00 13.20
C GLY A 214 -19.60 1.56 13.80
N TRP A 215 -20.34 0.69 14.48
CA TRP A 215 -21.56 1.12 15.15
C TRP A 215 -21.28 2.18 16.23
N GLN A 216 -20.08 2.17 16.77
CA GLN A 216 -19.71 3.10 17.82
C GLN A 216 -19.14 4.41 17.26
N ASP A 217 -18.92 4.47 15.96
CA ASP A 217 -18.35 5.66 15.33
C ASP A 217 -19.39 6.74 15.14
N ARG A 218 -19.07 7.96 15.61
CA ARG A 218 -19.85 9.15 15.29
C ARG A 218 -18.91 10.33 15.04
N GLY A 219 -19.43 11.34 14.35
CA GLY A 219 -18.65 12.54 14.12
C GLY A 219 -17.40 12.20 13.32
N PRO A 220 -16.25 12.78 13.71
CA PRO A 220 -14.98 12.55 13.01
C PRO A 220 -14.53 11.08 12.91
N SER A 221 -14.89 10.25 13.89
CA SER A 221 -14.51 8.85 13.84
C SER A 221 -15.17 8.10 12.67
N SER A 222 -16.25 8.67 12.14
CA SER A 222 -16.93 8.08 10.98
C SER A 222 -16.18 8.20 9.64
N TYR A 223 -15.10 8.97 9.62
CA TYR A 223 -14.22 9.05 8.45
C TYR A 223 -13.24 7.88 8.34
N TYR A 224 -13.03 7.14 9.43
CA TYR A 224 -11.90 6.16 9.53
C TYR A 224 -12.27 4.80 8.94
N ASN A 225 -12.60 4.79 7.66
CA ASN A 225 -12.89 3.58 6.95
C ASN A 225 -12.72 3.79 5.45
N VAL A 226 -12.68 2.68 4.75
CA VAL A 226 -12.32 2.65 3.37
C VAL A 226 -13.38 3.35 2.52
N GLU A 227 -14.65 3.06 2.79
CA GLU A 227 -15.73 3.67 2.02
C GLU A 227 -15.67 5.18 2.09
N TYR A 228 -15.50 5.72 3.29
CA TYR A 228 -15.42 7.16 3.47
C TYR A 228 -14.22 7.72 2.68
N ALA A 229 -13.08 7.07 2.80
CA ALA A 229 -11.87 7.57 2.15
C ALA A 229 -12.03 7.67 0.65
N VAL A 230 -12.56 6.61 0.05
CA VAL A 230 -12.78 6.55 -1.38
C VAL A 230 -13.76 7.66 -1.78
N GLY A 231 -14.84 7.79 -1.02
CA GLY A 231 -15.83 8.84 -1.33
C GLY A 231 -15.25 10.22 -1.23
N TYR A 232 -14.37 10.42 -0.26
CA TYR A 232 -13.77 11.71 -0.04
C TYR A 232 -12.81 12.11 -1.18
N TRP A 233 -11.97 11.17 -1.61
CA TRP A 233 -11.09 11.43 -2.76
C TRP A 233 -11.88 11.81 -4.01
N ILE A 234 -12.98 11.11 -4.24
CA ILE A 234 -13.81 11.40 -5.38
C ILE A 234 -14.46 12.78 -5.23
N HIS A 235 -14.99 13.05 -4.03
CA HIS A 235 -15.58 14.35 -3.71
C HIS A 235 -14.60 15.48 -3.98
N LYS A 236 -13.33 15.27 -3.64
CA LYS A 236 -12.31 16.30 -3.78
C LYS A 236 -11.84 16.51 -5.23
N GLY A 237 -12.29 15.67 -6.16
CA GLY A 237 -12.01 15.84 -7.56
C GLY A 237 -11.18 14.76 -8.23
N MET A 238 -10.87 13.66 -7.53
CA MET A 238 -10.14 12.59 -8.16
C MET A 238 -11.14 11.73 -8.92
N PRO A 239 -10.93 11.53 -10.23
CA PRO A 239 -11.86 10.67 -10.98
C PRO A 239 -11.85 9.27 -10.39
N SER A 240 -13.01 8.64 -10.32
CA SER A 240 -13.07 7.33 -9.66
C SER A 240 -12.14 6.33 -10.32
N GLU A 241 -11.96 6.41 -11.64
CA GLU A 241 -11.14 5.45 -12.34
C GLU A 241 -9.65 5.63 -12.08
N LYS A 242 -9.27 6.76 -11.47
CA LYS A 242 -7.89 6.96 -11.08
C LYS A 242 -7.67 6.57 -9.64
N VAL A 243 -8.70 6.08 -8.95
CA VAL A 243 -8.52 5.58 -7.57
C VAL A 243 -8.27 4.08 -7.63
N VAL A 244 -7.07 3.65 -7.22
CA VAL A 244 -6.75 2.25 -7.09
C VAL A 244 -6.69 2.00 -5.60
N MET A 245 -7.64 1.20 -5.13
CA MET A 245 -7.96 1.12 -3.71
C MET A 245 -7.04 0.11 -2.99
N GLY A 246 -6.29 0.60 -2.01
CA GLY A 246 -5.36 -0.25 -1.27
C GLY A 246 -6.11 -1.25 -0.40
N ILE A 247 -5.57 -2.46 -0.37
CA ILE A 247 -6.08 -3.54 0.43
C ILE A 247 -4.83 -4.12 1.13
N PRO A 248 -4.86 -4.29 2.46
CA PRO A 248 -3.66 -4.80 3.17
C PRO A 248 -3.62 -6.32 3.27
N THR A 249 -2.43 -6.89 3.26
CA THR A 249 -2.25 -8.32 3.56
C THR A 249 -1.60 -8.53 4.92
N TYR A 250 -1.71 -7.54 5.79
CA TYR A 250 -1.24 -7.63 7.16
C TYR A 250 -2.40 -7.21 8.03
N GLY A 251 -2.28 -7.48 9.34
CA GLY A 251 -3.23 -7.00 10.30
C GLY A 251 -2.55 -6.23 11.42
N HIS A 252 -3.33 -5.48 12.19
CA HIS A 252 -2.80 -4.80 13.37
C HIS A 252 -3.32 -5.50 14.60
N SER A 253 -2.41 -5.67 15.53
CA SER A 253 -2.62 -6.42 16.75
C SER A 253 -2.53 -5.58 18.01
N PHE A 254 -3.21 -6.08 19.03
CA PHE A 254 -3.24 -5.44 20.36
C PHE A 254 -3.10 -6.50 21.43
N THR A 255 -2.49 -6.12 22.54
CA THR A 255 -2.57 -6.91 23.76
C THR A 255 -3.71 -6.30 24.59
N LEU A 256 -4.67 -7.12 24.95
CA LEU A 256 -5.85 -6.68 25.70
C LEU A 256 -5.50 -6.41 27.16
N ALA A 257 -6.08 -5.33 27.68
CA ALA A 257 -5.87 -4.89 29.08
C ALA A 257 -6.87 -5.49 30.04
N SER A 258 -7.97 -6.05 29.53
CA SER A 258 -9.04 -6.61 30.37
C SER A 258 -9.64 -7.84 29.69
N ALA A 259 -10.67 -8.39 30.32
CA ALA A 259 -11.45 -9.47 29.75
C ALA A 259 -12.24 -9.07 28.49
N GLU A 260 -12.45 -7.77 28.27
CA GLU A 260 -13.27 -7.32 27.15
C GLU A 260 -12.54 -7.58 25.84
N THR A 261 -13.26 -8.11 24.85
CA THR A 261 -12.62 -8.50 23.59
C THR A 261 -13.26 -7.85 22.36
N THR A 262 -14.11 -6.86 22.57
CA THR A 262 -14.84 -6.23 21.49
C THR A 262 -14.03 -5.13 20.84
N VAL A 263 -14.54 -4.60 19.73
CA VAL A 263 -14.00 -3.38 19.14
C VAL A 263 -14.15 -2.25 20.16
N GLY A 264 -13.05 -1.59 20.45
CA GLY A 264 -13.00 -0.48 21.39
C GLY A 264 -12.68 -0.90 22.81
N ALA A 265 -12.35 -2.19 23.00
CA ALA A 265 -11.90 -2.71 24.29
C ALA A 265 -10.51 -2.16 24.61
N PRO A 266 -10.24 -1.98 25.91
CA PRO A 266 -8.96 -1.41 26.27
C PRO A 266 -7.80 -2.33 25.95
N ALA A 267 -6.72 -1.73 25.47
CA ALA A 267 -5.48 -2.45 25.18
C ALA A 267 -4.34 -1.86 26.02
N SER A 268 -3.44 -2.74 26.40
CA SER A 268 -2.25 -2.32 27.15
C SER A 268 -1.12 -1.93 26.24
N GLY A 269 -1.22 -2.29 24.97
CA GLY A 269 -0.09 -2.10 24.04
C GLY A 269 -0.32 -2.87 22.76
N PRO A 270 0.68 -2.88 21.90
CA PRO A 270 0.58 -3.69 20.69
C PRO A 270 0.51 -5.17 21.01
N GLY A 271 0.09 -5.95 20.03
CA GLY A 271 0.09 -7.36 20.17
C GLY A 271 1.52 -7.87 20.15
N ALA A 272 1.67 -9.09 20.61
CA ALA A 272 2.93 -9.81 20.53
C ALA A 272 3.48 -9.87 19.11
N ALA A 273 4.78 -9.62 18.97
CA ALA A 273 5.42 -9.65 17.65
C ALA A 273 5.25 -11.03 17.02
N GLY A 274 5.13 -11.06 15.70
CA GLY A 274 5.06 -12.32 15.00
C GLY A 274 6.46 -12.91 14.97
N PRO A 275 6.57 -14.23 14.84
CA PRO A 275 7.87 -14.91 14.85
C PRO A 275 8.74 -14.51 13.66
N ILE A 276 8.11 -14.15 12.53
CA ILE A 276 8.85 -13.89 11.28
C ILE A 276 9.08 -12.39 11.08
N THR A 277 8.05 -11.58 11.32
CA THR A 277 8.16 -10.13 11.08
C THR A 277 8.74 -9.37 12.24
N GLU A 278 8.65 -9.94 13.44
CA GLU A 278 9.34 -9.43 14.63
C GLU A 278 9.07 -7.95 14.90
N SER A 279 7.81 -7.56 14.77
CA SER A 279 7.42 -6.18 14.99
C SER A 279 6.08 -6.12 15.71
N SER A 280 6.12 -5.81 17.01
CA SER A 280 4.91 -5.82 17.83
C SER A 280 3.93 -4.82 17.26
N GLY A 281 2.69 -5.25 17.06
CA GLY A 281 1.69 -4.38 16.48
C GLY A 281 1.18 -4.77 15.11
N PHE A 282 1.97 -5.55 14.35
CA PHE A 282 1.46 -6.06 13.11
C PHE A 282 1.83 -7.52 12.91
N LEU A 283 1.07 -8.19 12.04
CA LEU A 283 1.35 -9.54 11.62
C LEU A 283 1.10 -9.65 10.12
N ALA A 284 1.98 -10.38 9.42
CA ALA A 284 1.76 -10.70 8.02
C ALA A 284 0.66 -11.76 7.93
N TYR A 285 0.02 -11.87 6.77
CA TYR A 285 -1.00 -12.91 6.60
C TYR A 285 -0.51 -14.30 6.91
N TYR A 286 0.73 -14.62 6.51
CA TYR A 286 1.25 -15.96 6.79
C TYR A 286 1.44 -16.16 8.29
N GLU A 287 1.56 -15.09 9.06
CA GLU A 287 1.63 -15.24 10.53
C GLU A 287 0.22 -15.34 11.07
N ILE A 288 -0.68 -14.57 10.50
CA ILE A 288 -2.09 -14.63 10.90
C ILE A 288 -2.67 -16.02 10.78
N CYS A 289 -2.34 -16.73 9.70
CA CYS A 289 -2.84 -18.11 9.55
C CYS A 289 -2.42 -19.02 10.70
N GLN A 290 -1.25 -18.80 11.26
CA GLN A 290 -0.84 -19.53 12.48
C GLN A 290 -1.56 -19.02 13.72
N PHE A 291 -1.73 -17.72 13.83
CA PHE A 291 -2.43 -17.12 14.95
C PHE A 291 -3.86 -17.64 15.08
N LEU A 292 -4.50 -17.84 13.94
CA LEU A 292 -5.91 -18.21 13.91
C LEU A 292 -6.18 -19.61 14.46
N LYS A 293 -5.16 -20.45 14.51
CA LYS A 293 -5.30 -21.79 15.08
C LYS A 293 -5.53 -21.66 16.57
N GLY A 294 -6.71 -22.10 17.04
CA GLY A 294 -7.13 -21.83 18.42
C GLY A 294 -7.76 -20.50 18.74
N ALA A 295 -7.94 -19.65 17.73
CA ALA A 295 -8.54 -18.34 17.94
C ALA A 295 -10.06 -18.36 17.70
N LYS A 296 -10.77 -17.39 18.23
CA LYS A 296 -12.16 -17.18 17.89
C LYS A 296 -12.23 -16.00 16.92
N ILE A 297 -12.87 -16.22 15.77
CA ILE A 297 -12.96 -15.18 14.73
C ILE A 297 -14.38 -14.64 14.68
N THR A 298 -14.51 -13.32 14.70
CA THR A 298 -15.78 -12.63 14.54
C THR A 298 -15.75 -11.83 13.23
N TRP A 299 -16.80 -11.92 12.43
CA TRP A 299 -16.97 -11.09 11.26
C TRP A 299 -17.85 -9.92 11.67
N LEU A 300 -17.32 -8.70 11.60
CA LEU A 300 -18.07 -7.50 11.91
C LEU A 300 -19.09 -7.16 10.81
N GLN A 301 -20.38 -7.23 11.14
N GLN A 301 -20.38 -7.21 11.14
CA GLN A 301 -21.43 -6.94 10.16
CA GLN A 301 -21.39 -6.93 10.13
C GLN A 301 -21.47 -5.46 9.81
C GLN A 301 -21.46 -5.45 9.81
N ASP A 302 -21.14 -4.62 10.80
CA ASP A 302 -21.09 -3.17 10.63
C ASP A 302 -19.93 -2.70 9.76
N GLN A 303 -18.74 -3.26 9.97
CA GLN A 303 -17.51 -2.80 9.28
C GLN A 303 -17.05 -3.68 8.13
N GLN A 304 -17.64 -4.88 8.03
CA GLN A 304 -17.47 -5.84 6.95
C GLN A 304 -16.04 -6.36 6.85
N VAL A 305 -15.48 -6.75 8.00
CA VAL A 305 -14.10 -7.27 8.08
C VAL A 305 -14.03 -8.12 9.34
N PRO A 306 -13.02 -9.00 9.40
CA PRO A 306 -12.89 -9.87 10.58
C PRO A 306 -11.91 -9.40 11.62
N TYR A 307 -12.10 -9.88 12.84
CA TYR A 307 -11.04 -9.82 13.85
C TYR A 307 -11.00 -11.14 14.60
N ALA A 308 -9.86 -11.46 15.17
CA ALA A 308 -9.70 -12.73 15.89
C ALA A 308 -9.10 -12.46 17.26
N VAL A 309 -9.48 -13.29 18.22
CA VAL A 309 -8.98 -13.20 19.60
C VAL A 309 -8.47 -14.55 20.03
N LYS A 310 -7.33 -14.54 20.69
CA LYS A 310 -6.76 -15.74 21.27
C LYS A 310 -5.97 -15.33 22.50
N GLY A 311 -6.33 -15.87 23.65
CA GLY A 311 -5.74 -15.40 24.90
C GLY A 311 -5.98 -13.92 25.04
N ASN A 312 -4.93 -13.18 25.39
CA ASN A 312 -5.04 -11.74 25.49
C ASN A 312 -4.68 -11.00 24.20
N GLN A 313 -4.73 -11.68 23.07
CA GLN A 313 -4.32 -11.08 21.78
C GLN A 313 -5.53 -10.84 20.89
N TRP A 314 -5.57 -9.68 20.28
CA TRP A 314 -6.65 -9.23 19.42
C TRP A 314 -6.05 -8.80 18.11
N VAL A 315 -6.49 -9.41 17.01
CA VAL A 315 -5.91 -9.08 15.70
C VAL A 315 -7.03 -8.69 14.73
N GLY A 316 -6.96 -7.48 14.18
CA GLY A 316 -7.85 -7.07 13.08
C GLY A 316 -7.12 -7.22 11.76
N TYR A 317 -7.69 -7.98 10.83
CA TYR A 317 -6.98 -8.36 9.61
C TYR A 317 -7.96 -8.48 8.46
N ASP A 318 -7.43 -8.82 7.28
CA ASP A 318 -8.22 -9.05 6.10
C ASP A 318 -8.02 -10.47 5.60
N ASP A 319 -9.13 -11.11 5.25
CA ASP A 319 -9.13 -12.47 4.74
C ASP A 319 -9.73 -12.53 3.36
N VAL A 320 -9.93 -13.75 2.89
CA VAL A 320 -10.48 -13.95 1.56
C VAL A 320 -11.87 -13.33 1.47
N LYS A 321 -12.73 -13.50 2.48
CA LYS A 321 -14.05 -12.86 2.42
C LYS A 321 -13.87 -11.34 2.31
N SER A 322 -12.93 -10.75 3.04
CA SER A 322 -12.69 -9.30 2.92
C SER A 322 -12.21 -8.92 1.51
N MET A 323 -11.34 -9.72 0.91
CA MET A 323 -10.89 -9.42 -0.47
C MET A 323 -12.08 -9.32 -1.42
N GLU A 324 -12.97 -10.32 -1.38
CA GLU A 324 -14.08 -10.37 -2.34
C GLU A 324 -15.07 -9.25 -2.06
N THR A 325 -15.29 -8.96 -0.78
CA THR A 325 -16.15 -7.84 -0.38
C THR A 325 -15.60 -6.49 -0.85
N LYS A 326 -14.32 -6.26 -0.66
CA LYS A 326 -13.70 -4.99 -1.05
C LYS A 326 -13.63 -4.84 -2.59
N VAL A 327 -13.43 -5.96 -3.30
CA VAL A 327 -13.47 -5.92 -4.76
C VAL A 327 -14.88 -5.58 -5.24
N GLN A 328 -15.92 -6.20 -4.68
CA GLN A 328 -17.30 -5.84 -5.10
C GLN A 328 -17.55 -4.36 -4.91
N PHE A 329 -17.14 -3.82 -3.76
CA PHE A 329 -17.26 -2.41 -3.47
C PHE A 329 -16.54 -1.56 -4.51
N LEU A 330 -15.30 -1.91 -4.86
CA LEU A 330 -14.56 -1.02 -5.77
C LEU A 330 -15.20 -1.05 -7.16
N LYS A 331 -15.72 -2.21 -7.57
CA LYS A 331 -16.43 -2.30 -8.84
C LYS A 331 -17.68 -1.45 -8.80
N ASN A 332 -18.41 -1.52 -7.70
CA ASN A 332 -19.63 -0.72 -7.55
C ASN A 332 -19.39 0.79 -7.61
N LEU A 333 -18.21 1.21 -7.19
CA LEU A 333 -17.84 2.65 -7.21
C LEU A 333 -17.04 3.04 -8.44
N ASN A 334 -16.88 2.13 -9.39
CA ASN A 334 -16.21 2.40 -10.64
C ASN A 334 -14.78 2.86 -10.42
N LEU A 335 -14.12 2.20 -9.48
CA LEU A 335 -12.74 2.52 -9.20
C LEU A 335 -11.83 1.93 -10.26
N GLY A 336 -10.58 2.36 -10.27
CA GLY A 336 -9.64 1.88 -11.24
C GLY A 336 -9.10 0.49 -11.02
N GLY A 337 -9.31 -0.04 -9.82
CA GLY A 337 -8.74 -1.32 -9.44
C GLY A 337 -8.38 -1.37 -7.97
N ALA A 338 -7.59 -2.39 -7.63
CA ALA A 338 -7.10 -2.66 -6.31
C ALA A 338 -5.58 -2.57 -6.25
N MET A 339 -5.10 -2.10 -5.13
CA MET A 339 -3.68 -2.08 -4.85
C MET A 339 -3.47 -2.97 -3.64
N ILE A 340 -2.33 -3.66 -3.58
CA ILE A 340 -2.02 -4.55 -2.47
C ILE A 340 -0.76 -4.07 -1.73
N TRP A 341 -0.91 -3.83 -0.44
CA TRP A 341 0.25 -3.64 0.44
C TRP A 341 0.34 -4.81 1.44
N SER A 342 1.28 -5.75 1.25
CA SER A 342 2.18 -5.91 0.11
C SER A 342 2.21 -7.40 -0.22
N ILE A 343 2.57 -7.77 -1.44
CA ILE A 343 2.35 -9.16 -1.85
C ILE A 343 3.30 -10.09 -1.08
N ASP A 344 4.40 -9.56 -0.60
CA ASP A 344 5.35 -10.34 0.17
C ASP A 344 4.91 -10.58 1.63
N MET A 345 3.72 -10.08 1.99
CA MET A 345 3.09 -10.44 3.27
C MET A 345 1.86 -11.31 3.10
N ASP A 346 1.42 -11.54 1.87
CA ASP A 346 0.48 -12.63 1.58
C ASP A 346 1.24 -13.93 1.83
N ASP A 347 0.50 -15.05 1.85
CA ASP A 347 1.16 -16.34 2.05
C ASP A 347 1.67 -16.78 0.68
N PHE A 348 2.71 -16.10 0.22
CA PHE A 348 3.20 -16.32 -1.15
C PHE A 348 3.73 -17.74 -1.41
N THR A 349 4.25 -18.39 -0.38
CA THR A 349 4.72 -19.78 -0.55
C THR A 349 3.55 -20.78 -0.59
N GLY A 350 2.40 -20.41 -0.02
CA GLY A 350 1.24 -21.30 0.19
C GLY A 350 1.35 -22.18 1.41
N LYS A 351 2.50 -22.14 2.10
CA LYS A 351 2.79 -23.16 3.11
C LYS A 351 2.15 -22.89 4.47
N SER A 352 1.77 -21.66 4.77
CA SER A 352 1.23 -21.37 6.09
C SER A 352 -0.27 -21.59 6.17
N CYS A 353 -0.98 -21.10 5.16
CA CYS A 353 -2.45 -21.03 5.23
C CYS A 353 -3.10 -22.25 4.56
N ASN A 354 -2.33 -22.98 3.77
CA ASN A 354 -2.82 -24.18 3.12
C ASN A 354 -4.04 -23.82 2.26
N GLN A 355 -3.91 -22.70 1.55
CA GLN A 355 -4.90 -22.27 0.57
C GLN A 355 -4.21 -21.89 -0.76
N GLY A 356 -3.05 -22.52 -1.01
CA GLY A 356 -2.25 -22.28 -2.17
C GLY A 356 -1.48 -20.95 -2.12
N PRO A 357 -0.62 -20.71 -3.13
CA PRO A 357 0.18 -19.49 -3.10
C PRO A 357 -0.65 -18.26 -3.30
N TYR A 358 -0.30 -17.22 -2.56
CA TYR A 358 -0.96 -15.92 -2.64
C TYR A 358 -2.47 -16.06 -2.50
N PRO A 359 -2.95 -16.60 -1.37
CA PRO A 359 -4.40 -16.76 -1.27
C PRO A 359 -5.19 -15.46 -1.32
N LEU A 360 -4.67 -14.38 -0.72
CA LEU A 360 -5.39 -13.12 -0.71
C LEU A 360 -5.34 -12.49 -2.09
N VAL A 361 -4.16 -12.45 -2.68
CA VAL A 361 -4.03 -11.74 -3.94
C VAL A 361 -4.71 -12.51 -5.06
N GLN A 362 -4.66 -13.83 -5.00
CA GLN A 362 -5.40 -14.63 -6.02
C GLN A 362 -6.91 -14.37 -5.88
N ALA A 363 -7.41 -14.20 -4.66
CA ALA A 363 -8.83 -13.94 -4.46
C ALA A 363 -9.18 -12.57 -5.02
N VAL A 364 -8.30 -11.58 -4.85
CA VAL A 364 -8.50 -10.28 -5.50
C VAL A 364 -8.54 -10.39 -7.01
N LYS A 365 -7.55 -11.07 -7.59
CA LYS A 365 -7.48 -11.23 -9.02
C LYS A 365 -8.73 -11.93 -9.57
N ARG A 366 -9.12 -13.01 -8.91
CA ARG A 366 -10.27 -13.80 -9.34
C ARG A 366 -11.53 -12.95 -9.26
N SER A 367 -11.65 -12.18 -8.17
CA SER A 367 -12.83 -11.35 -7.99
C SER A 367 -12.86 -10.23 -9.01
N LEU A 368 -11.70 -9.62 -9.31
CA LEU A 368 -11.67 -8.58 -10.34
C LEU A 368 -12.05 -9.10 -11.70
N GLY A 369 -11.58 -10.29 -12.03
CA GLY A 369 -11.81 -10.88 -13.35
C GLY A 369 -13.18 -11.49 -13.57
N SER A 370 -13.90 -11.78 -12.49
CA SER A 370 -15.22 -12.42 -12.50
C SER A 370 -16.25 -11.45 -13.06
N LEU A 371 -16.99 -11.90 -14.08
CA LEU A 371 -18.05 -11.07 -14.69
C LEU A 371 -19.23 -10.91 -13.74
C1 NAG B . 2.37 3.01 4.31
C2 NAG B . 3.61 2.77 3.47
C3 NAG B . 4.56 1.76 4.10
C4 NAG B . 3.94 1.06 5.31
C5 NAG B . 2.50 0.69 4.98
C6 NAG B . 1.77 -0.09 6.09
C7 NAG B . 3.59 3.13 1.03
C8 NAG B . 3.17 2.66 -0.33
N2 NAG B . 3.27 2.38 2.11
O1 NAG B . 2.70 3.70 5.51
O3 NAG B . 5.75 2.48 4.41
O4 NAG B . 4.59 -0.17 5.54
O5 NAG B . 1.70 1.79 4.59
O6 NAG B . 1.76 0.60 7.31
O7 NAG B . 4.25 4.16 1.15
C1 NAG B . 5.72 -0.11 6.43
C2 NAG B . 5.95 -1.52 6.93
C3 NAG B . 7.22 -1.60 7.81
C4 NAG B . 8.40 -0.96 7.09
C5 NAG B . 8.00 0.44 6.59
C6 NAG B . 9.09 1.10 5.78
C7 NAG B . 4.04 -3.02 7.13
C8 NAG B . 2.93 -3.50 8.00
N2 NAG B . 4.80 -2.08 7.64
O3 NAG B . 7.54 -2.96 8.07
O4 NAG B . 9.55 -0.85 7.94
O5 NAG B . 6.88 0.32 5.73
O6 NAG B . 8.69 2.42 5.42
O7 NAG B . 4.18 -3.48 5.99
S SO4 C . -22.58 9.79 11.94
O1 SO4 C . -22.41 10.90 11.00
O2 SO4 C . -21.58 8.77 11.59
O3 SO4 C . -23.94 9.24 11.77
O4 SO4 C . -22.38 10.22 13.33
S SO4 D . 11.72 26.81 -5.33
O1 SO4 D . 11.14 27.97 -4.62
O2 SO4 D . 13.12 27.05 -5.66
O3 SO4 D . 10.98 26.58 -6.59
O4 SO4 D . 11.58 25.61 -4.45
S SO4 E . 17.12 5.45 3.07
O1 SO4 E . 18.25 5.94 2.25
O2 SO4 E . 17.62 4.36 3.93
O3 SO4 E . 16.09 4.97 2.16
O4 SO4 E . 16.61 6.56 3.89
#